data_5ILJ
#
_entry.id   5ILJ
#
_cell.length_a   126.520
_cell.length_b   126.520
_cell.length_c   122.290
_cell.angle_alpha   90.00
_cell.angle_beta   90.00
_cell.angle_gamma   90.00
#
_symmetry.space_group_name_H-M   'P 41 21 2'
#
loop_
_entity.id
_entity.type
_entity.pdbx_description
1 polymer '5-epi-aristolochene synthase'
2 non-polymer 2-[BIS-(2-HYDROXY-ETHYL)-AMINO]-2-HYDROXYMETHYL-PROPANE-1,3-DIOL
3 water water
#
_entity_poly.entity_id   1
_entity_poly.type   'polypeptide(L)'
_entity_poly.pdbx_seq_one_letter_code
;GSMASAAVANYEEEIVRPVADFSPSLWGDQFLSFSIKNQVAEKYAKEIEALKEQTRNMLLATGMKLADTLNLIDTIERLG
ISYHFEKEIDDILDQIYNQNSNCNDLCTSALQFRLLRQHGFNISPEIFSKFQDENGKFKESLASDVLGLLNLYEASHVRT
HADDILEDALAFSTIHLESAAPHLKSPLREQVTHALEQCLHKGVPRVETRFFISSIYDKEQSKNNVLLRFAKLDFNLLQM
LHKQELAQVSRWWKDLDFVTTLPYARDRVVECYFWALGVYFEPQYSQARVMLVKTISMISIVDDTFDAYGTVKELEAYTD
AIQRWDINEIDRLPDYMKISYKAILDLYKDYEKELSSAGRSHIVCHAIERMKEVVRNYNVESTWFIEGYTPPVSEYLSNA
LATTTYYYLATTSYLGMKSATEQDFEWLSKNPKILEASVIICRVIDDTATYEVEKSRGQIATGIECCMRDYGISTKEAMA
KFQNMAETAWKDINEGLLRPTPVSTEFLTPILNLARIVEVTYIHNLDGYTHPEKVLKPHIINLLVDSIKI
;
_entity_poly.pdbx_strand_id   A
#
loop_
_chem_comp.id
_chem_comp.type
_chem_comp.name
_chem_comp.formula
BTB non-polymer 2-[BIS-(2-HYDROXY-ETHYL)-AMINO]-2-HYDROXYMETHYL-PROPANE-1,3-DIOL 'C8 H19 N O5'
#
# COMPACT_ATOMS: atom_id res chain seq x y z
N ILE A 15 7.29 38.12 11.23
CA ILE A 15 7.02 37.08 10.23
C ILE A 15 5.54 36.72 10.13
N VAL A 16 4.91 37.09 9.01
CA VAL A 16 3.55 36.68 8.75
C VAL A 16 3.56 35.41 7.90
N ARG A 17 2.95 34.35 8.42
CA ARG A 17 3.01 33.03 7.80
C ARG A 17 1.89 32.85 6.77
N PRO A 18 2.04 31.87 5.85
CA PRO A 18 0.93 31.57 4.93
C PRO A 18 -0.29 31.03 5.67
N VAL A 19 -1.48 31.56 5.36
CA VAL A 19 -2.69 31.19 6.08
C VAL A 19 -3.11 29.73 5.81
N ALA A 20 -3.61 29.07 6.84
CA ALA A 20 -3.98 27.66 6.80
C ALA A 20 -5.18 27.39 5.89
N ASP A 21 -5.07 26.32 5.08
CA ASP A 21 -6.13 26.00 4.13
C ASP A 21 -6.51 24.52 4.18
N PHE A 22 -5.92 23.76 5.10
CA PHE A 22 -6.23 22.33 5.21
C PHE A 22 -7.57 22.10 5.91
N SER A 23 -8.32 21.11 5.43
CA SER A 23 -9.56 20.73 6.09
C SER A 23 -9.27 20.03 7.41
N PRO A 24 -10.10 20.27 8.45
CA PRO A 24 -9.95 19.60 9.75
C PRO A 24 -10.20 18.10 9.65
N SER A 25 -9.75 17.35 10.65
CA SER A 25 -10.05 15.92 10.71
C SER A 25 -11.54 15.72 10.73
N LEU A 26 -12.05 14.82 9.90
CA LEU A 26 -13.49 14.68 9.82
C LEU A 26 -14.05 13.65 10.81
N TRP A 27 -13.18 13.15 11.69
CA TRP A 27 -13.55 12.04 12.59
C TRP A 27 -13.82 12.46 14.02
N GLY A 28 -13.33 13.63 14.41
CA GLY A 28 -13.46 14.09 15.79
C GLY A 28 -12.89 13.08 16.77
N ASP A 29 -13.71 12.67 17.73
CA ASP A 29 -13.27 11.75 18.78
C ASP A 29 -13.93 10.36 18.69
N GLN A 30 -14.51 10.02 17.54
CA GLN A 30 -15.33 8.82 17.46
C GLN A 30 -14.48 7.55 17.57
N PHE A 31 -13.16 7.68 17.43
CA PHE A 31 -12.28 6.53 17.54
C PHE A 31 -11.53 6.48 18.86
N LEU A 32 -11.70 7.51 19.68
CA LEU A 32 -10.81 7.72 20.83
C LEU A 32 -10.94 6.64 21.89
N SER A 33 -12.15 6.12 22.03
CA SER A 33 -12.41 5.14 23.05
C SER A 33 -13.14 3.95 22.46
N PHE A 34 -12.49 2.79 22.47
CA PHE A 34 -13.14 1.57 22.07
C PHE A 34 -12.96 0.51 23.14
N SER A 35 -14.08 -0.02 23.64
CA SER A 35 -14.03 -1.12 24.60
C SER A 35 -14.45 -2.44 23.95
N ILE A 36 -13.49 -3.33 23.74
CA ILE A 36 -13.80 -4.63 23.16
C ILE A 36 -14.81 -5.40 24.02
N LYS A 37 -15.76 -6.06 23.37
CA LYS A 37 -16.67 -6.96 24.08
C LYS A 37 -16.02 -8.34 24.16
N ASN A 38 -15.39 -8.64 25.29
CA ASN A 38 -14.58 -9.85 25.43
C ASN A 38 -15.33 -11.14 25.19
N GLN A 39 -16.62 -11.15 25.50
CA GLN A 39 -17.43 -12.35 25.33
C GLN A 39 -17.65 -12.62 23.85
N VAL A 40 -17.96 -11.57 23.10
CA VAL A 40 -18.13 -11.69 21.65
C VAL A 40 -16.82 -12.11 20.99
N ALA A 41 -15.72 -11.54 21.46
CA ALA A 41 -14.41 -11.82 20.86
C ALA A 41 -14.01 -13.27 21.06
N GLU A 42 -14.18 -13.77 22.27
CA GLU A 42 -13.82 -15.15 22.60
C GLU A 42 -14.72 -16.13 21.89
N LYS A 43 -15.99 -15.76 21.70
CA LYS A 43 -16.93 -16.56 20.94
C LYS A 43 -16.49 -16.69 19.49
N TYR A 44 -16.17 -15.55 18.87
CA TYR A 44 -15.69 -15.54 17.49
C TYR A 44 -14.43 -16.37 17.34
N ALA A 45 -13.49 -16.20 18.25
CA ALA A 45 -12.21 -16.90 18.15
C ALA A 45 -12.42 -18.40 18.26
N LYS A 46 -13.30 -18.79 19.18
CA LYS A 46 -13.61 -20.20 19.39
C LYS A 46 -14.18 -20.84 18.13
N GLU A 47 -15.10 -20.15 17.47
CA GLU A 47 -15.68 -20.71 16.26
C GLU A 47 -14.69 -20.67 15.09
N ILE A 48 -13.87 -19.62 15.04
CA ILE A 48 -12.90 -19.48 13.96
C ILE A 48 -11.93 -20.64 13.99
N GLU A 49 -11.54 -21.06 15.19
CA GLU A 49 -10.63 -22.19 15.32
C GLU A 49 -11.22 -23.44 14.66
N ALA A 50 -12.52 -23.66 14.86
CA ALA A 50 -13.20 -24.79 14.24
C ALA A 50 -13.26 -24.64 12.72
N LEU A 51 -13.69 -23.47 12.26
CA LEU A 51 -13.81 -23.20 10.84
C LEU A 51 -12.44 -23.24 10.16
N LYS A 52 -11.40 -22.86 10.89
CA LYS A 52 -10.04 -22.84 10.36
C LYS A 52 -9.57 -24.25 10.04
N GLU A 53 -9.93 -25.20 10.90
CA GLU A 53 -9.57 -26.59 10.68
C GLU A 53 -10.36 -27.22 9.54
N GLN A 54 -11.67 -26.95 9.48
CA GLN A 54 -12.47 -27.41 8.35
C GLN A 54 -11.88 -26.90 7.05
N THR A 55 -11.41 -25.66 7.07
CA THR A 55 -10.88 -25.03 5.88
C THR A 55 -9.53 -25.62 5.49
N ARG A 56 -8.69 -25.88 6.50
CA ARG A 56 -7.41 -26.54 6.27
C ARG A 56 -7.62 -27.90 5.60
N ASN A 57 -8.63 -28.63 6.05
CA ASN A 57 -8.94 -29.93 5.46
C ASN A 57 -9.47 -29.83 4.04
N MET A 58 -10.15 -28.73 3.72
CA MET A 58 -10.56 -28.48 2.34
C MET A 58 -9.32 -28.35 1.44
N LEU A 59 -8.30 -27.65 1.93
CA LEU A 59 -7.07 -27.42 1.18
C LEU A 59 -6.22 -28.68 1.00
N LEU A 60 -6.18 -29.53 2.02
CA LEU A 60 -5.35 -30.73 1.99
C LEU A 60 -6.09 -31.91 1.40
N ALA A 61 -7.26 -31.66 0.81
CA ALA A 61 -8.06 -32.73 0.23
C ALA A 61 -7.41 -33.29 -1.03
N THR A 62 -7.26 -34.60 -1.05
CA THR A 62 -6.62 -35.30 -2.16
C THR A 62 -7.57 -35.45 -3.36
N GLY A 63 -7.00 -35.46 -4.57
CA GLY A 63 -7.77 -35.76 -5.76
C GLY A 63 -8.62 -34.64 -6.30
N MET A 64 -8.28 -33.39 -5.97
CA MET A 64 -8.96 -32.24 -6.55
C MET A 64 -8.42 -31.93 -7.94
N LYS A 65 -9.29 -31.47 -8.84
CA LYS A 65 -8.86 -31.05 -10.17
C LYS A 65 -8.13 -29.73 -10.04
N LEU A 66 -7.28 -29.44 -11.03
CA LEU A 66 -6.49 -28.23 -11.03
C LEU A 66 -7.37 -26.98 -10.90
N ALA A 67 -8.40 -26.89 -11.74
CA ALA A 67 -9.29 -25.73 -11.71
C ALA A 67 -9.94 -25.52 -10.35
N ASP A 68 -10.35 -26.62 -9.70
CA ASP A 68 -11.00 -26.54 -8.39
C ASP A 68 -10.04 -26.10 -7.30
N THR A 69 -8.80 -26.57 -7.39
CA THR A 69 -7.77 -26.23 -6.42
C THR A 69 -7.40 -24.74 -6.52
N LEU A 70 -7.26 -24.25 -7.74
CA LEU A 70 -6.90 -22.85 -7.94
C LEU A 70 -8.03 -21.94 -7.47
N ASN A 71 -9.29 -22.34 -7.73
CA ASN A 71 -10.42 -21.51 -7.32
C ASN A 71 -10.59 -21.43 -5.81
N LEU A 72 -10.30 -22.54 -5.14
CA LEU A 72 -10.37 -22.60 -3.69
C LEU A 72 -9.33 -21.65 -3.09
N ILE A 73 -8.10 -21.73 -3.59
CA ILE A 73 -7.03 -20.86 -3.08
C ILE A 73 -7.36 -19.40 -3.35
N ASP A 74 -7.82 -19.10 -4.57
CA ASP A 74 -8.18 -17.75 -4.95
C ASP A 74 -9.30 -17.20 -4.06
N THR A 75 -10.30 -18.05 -3.76
CA THR A 75 -11.41 -17.62 -2.93
C THR A 75 -10.92 -17.33 -1.51
N ILE A 76 -10.11 -18.22 -0.96
CA ILE A 76 -9.61 -18.04 0.39
C ILE A 76 -8.76 -16.79 0.49
N GLU A 77 -7.95 -16.51 -0.54
CA GLU A 77 -7.16 -15.28 -0.58
C GLU A 77 -8.04 -14.05 -0.67
N ARG A 78 -8.99 -14.04 -1.59
CA ARG A 78 -9.86 -12.88 -1.70
C ARG A 78 -10.71 -12.67 -0.43
N LEU A 79 -11.03 -13.76 0.28
CA LEU A 79 -11.84 -13.67 1.50
C LEU A 79 -11.03 -13.14 2.67
N GLY A 80 -9.74 -12.96 2.45
CA GLY A 80 -8.86 -12.35 3.43
C GLY A 80 -8.38 -13.29 4.51
N ILE A 81 -8.56 -14.60 4.31
CA ILE A 81 -8.23 -15.54 5.38
C ILE A 81 -7.03 -16.44 5.02
N SER A 82 -6.35 -16.14 3.93
CA SER A 82 -5.22 -16.97 3.51
C SER A 82 -4.02 -16.85 4.44
N TYR A 83 -3.96 -15.79 5.26
CA TYR A 83 -2.80 -15.62 6.13
C TYR A 83 -2.76 -16.72 7.19
N HIS A 84 -3.86 -17.48 7.32
CA HIS A 84 -3.94 -18.65 8.21
C HIS A 84 -3.30 -19.87 7.59
N PHE A 85 -3.13 -19.84 6.27
CA PHE A 85 -2.77 -21.04 5.49
C PHE A 85 -1.58 -20.82 4.57
N GLU A 86 -0.60 -20.04 5.01
CA GLU A 86 0.54 -19.72 4.16
C GLU A 86 1.35 -20.97 3.77
N LYS A 87 1.58 -21.86 4.72
CA LYS A 87 2.27 -23.12 4.45
C LYS A 87 1.51 -24.02 3.46
N GLU A 88 0.22 -24.23 3.70
CA GLU A 88 -0.59 -25.13 2.86
C GLU A 88 -0.70 -24.61 1.43
N ILE A 89 -1.00 -23.32 1.32
CA ILE A 89 -1.14 -22.70 0.02
C ILE A 89 0.18 -22.74 -0.75
N ASP A 90 1.29 -22.49 -0.05
CA ASP A 90 2.59 -22.52 -0.71
C ASP A 90 2.96 -23.91 -1.20
N ASP A 91 2.67 -24.92 -0.41
CA ASP A 91 2.94 -26.30 -0.81
C ASP A 91 2.13 -26.68 -2.04
N ILE A 92 0.87 -26.27 -2.07
CA ILE A 92 0.01 -26.58 -3.21
C ILE A 92 0.46 -25.84 -4.48
N LEU A 93 0.74 -24.55 -4.39
CA LEU A 93 1.22 -23.80 -5.56
C LEU A 93 2.58 -24.32 -6.03
N ASP A 94 3.43 -24.71 -5.08
CA ASP A 94 4.73 -25.25 -5.44
C ASP A 94 4.57 -26.55 -6.23
N GLN A 95 3.61 -27.37 -5.86
CA GLN A 95 3.39 -28.62 -6.60
C GLN A 95 2.86 -28.32 -8.01
N ILE A 96 1.93 -27.38 -8.09
CA ILE A 96 1.36 -26.96 -9.36
C ILE A 96 2.42 -26.34 -10.29
N TYR A 97 3.30 -25.52 -9.72
CA TYR A 97 4.42 -24.95 -10.46
C TYR A 97 5.30 -26.01 -11.08
N ASN A 98 5.62 -27.03 -10.30
CA ASN A 98 6.60 -28.02 -10.74
C ASN A 98 6.05 -29.11 -11.67
N GLN A 99 4.73 -29.34 -11.64
CA GLN A 99 4.15 -30.36 -12.49
C GLN A 99 3.91 -29.83 -13.91
N ASN A 100 3.88 -28.51 -14.05
CA ASN A 100 3.76 -27.86 -15.37
C ASN A 100 2.59 -28.38 -16.20
N SER A 101 1.38 -28.00 -15.82
CA SER A 101 0.18 -28.39 -16.58
C SER A 101 -0.25 -27.26 -17.50
N ASN A 102 0.04 -27.44 -18.79
CA ASN A 102 -0.32 -26.48 -19.82
C ASN A 102 -1.31 -27.13 -20.78
N CYS A 103 -2.57 -27.19 -20.35
CA CYS A 103 -3.60 -27.90 -21.12
C CYS A 103 -5.00 -27.47 -20.69
N ASN A 104 -5.15 -26.20 -20.33
CA ASN A 104 -6.44 -25.73 -19.83
C ASN A 104 -7.04 -24.60 -20.63
N ASP A 105 -8.23 -24.19 -20.23
CA ASP A 105 -8.91 -23.04 -20.82
C ASP A 105 -8.33 -21.74 -20.29
N LEU A 106 -8.79 -20.62 -20.85
CA LEU A 106 -8.24 -19.30 -20.52
C LEU A 106 -8.41 -19.00 -19.02
N CYS A 107 -9.60 -19.28 -18.50
CA CYS A 107 -9.94 -19.03 -17.10
C CYS A 107 -8.91 -19.65 -16.15
N THR A 108 -8.70 -20.96 -16.27
CA THR A 108 -7.76 -21.67 -15.40
C THR A 108 -6.30 -21.28 -15.66
N SER A 109 -5.93 -21.09 -16.93
CA SER A 109 -4.56 -20.72 -17.26
C SER A 109 -4.19 -19.36 -16.69
N ALA A 110 -5.05 -18.37 -16.89
CA ALA A 110 -4.79 -17.01 -16.39
C ALA A 110 -4.72 -16.95 -14.86
N LEU A 111 -5.54 -17.76 -14.20
CA LEU A 111 -5.55 -17.80 -12.74
C LEU A 111 -4.30 -18.51 -12.22
N GLN A 112 -3.94 -19.62 -12.88
CA GLN A 112 -2.72 -20.33 -12.55
C GLN A 112 -1.51 -19.40 -12.65
N PHE A 113 -1.49 -18.58 -13.70
CA PHE A 113 -0.36 -17.68 -13.92
C PHE A 113 -0.32 -16.61 -12.84
N ARG A 114 -1.45 -15.97 -12.59
CA ARG A 114 -1.48 -14.93 -11.57
C ARG A 114 -1.10 -15.44 -10.18
N LEU A 115 -1.72 -16.53 -9.75
CA LEU A 115 -1.49 -17.03 -8.39
C LEU A 115 -0.03 -17.43 -8.22
N LEU A 116 0.53 -18.15 -9.18
CA LEU A 116 1.94 -18.55 -9.06
C LEU A 116 2.88 -17.34 -9.05
N ARG A 117 2.61 -16.36 -9.92
CA ARG A 117 3.47 -15.19 -10.02
C ARG A 117 3.38 -14.36 -8.74
N GLN A 118 2.18 -14.20 -8.20
CA GLN A 118 2.00 -13.40 -6.99
C GLN A 118 2.74 -14.02 -5.83
N HIS A 119 2.92 -15.35 -5.90
CA HIS A 119 3.66 -16.04 -4.85
C HIS A 119 5.13 -16.29 -5.20
N GLY A 120 5.62 -15.63 -6.24
CA GLY A 120 7.04 -15.68 -6.58
C GLY A 120 7.50 -16.86 -7.43
N PHE A 121 6.56 -17.66 -7.92
CA PHE A 121 6.89 -18.77 -8.82
C PHE A 121 6.95 -18.27 -10.25
N ASN A 122 8.12 -18.37 -10.88
CA ASN A 122 8.33 -17.76 -12.18
C ASN A 122 7.78 -18.60 -13.33
N ILE A 123 6.46 -18.85 -13.33
CA ILE A 123 5.85 -19.63 -14.39
C ILE A 123 5.98 -18.90 -15.73
N SER A 124 6.37 -19.63 -16.78
CA SER A 124 6.55 -19.03 -18.10
C SER A 124 5.26 -18.44 -18.64
N PRO A 125 5.36 -17.26 -19.29
CA PRO A 125 4.16 -16.67 -19.90
C PRO A 125 3.76 -17.38 -21.20
N GLU A 126 4.54 -18.38 -21.60
CA GLU A 126 4.20 -19.16 -22.79
C GLU A 126 2.92 -19.96 -22.57
N ILE A 127 2.43 -20.00 -21.34
CA ILE A 127 1.17 -20.68 -21.05
C ILE A 127 0.05 -20.02 -21.85
N PHE A 128 0.25 -18.76 -22.22
CA PHE A 128 -0.75 -18.01 -23.00
C PHE A 128 -0.65 -18.15 -24.53
N SER A 129 0.40 -18.78 -25.03
CA SER A 129 0.57 -18.86 -26.50
C SER A 129 -0.61 -19.52 -27.23
N LYS A 130 -1.16 -20.59 -26.67
CA LYS A 130 -2.29 -21.29 -27.28
C LYS A 130 -3.54 -20.40 -27.39
N PHE A 131 -3.56 -19.27 -26.67
CA PHE A 131 -4.72 -18.36 -26.75
C PHE A 131 -4.50 -17.20 -27.71
N GLN A 132 -3.37 -17.20 -28.41
CA GLN A 132 -3.02 -16.14 -29.33
C GLN A 132 -2.82 -16.65 -30.75
N ASP A 133 -2.95 -15.77 -31.73
CA ASP A 133 -2.70 -16.13 -33.12
C ASP A 133 -1.20 -16.04 -33.46
N GLU A 134 -0.89 -16.20 -34.76
CA GLU A 134 0.49 -16.14 -35.24
C GLU A 134 1.16 -14.80 -34.93
N ASN A 135 0.34 -13.76 -34.78
CA ASN A 135 0.80 -12.40 -34.60
C ASN A 135 1.06 -12.04 -33.13
N GLY A 136 0.73 -12.94 -32.22
CA GLY A 136 0.94 -12.70 -30.80
C GLY A 136 -0.21 -11.92 -30.13
N LYS A 137 -1.29 -11.73 -30.87
CA LYS A 137 -2.47 -11.04 -30.37
C LYS A 137 -3.52 -12.06 -29.96
N PHE A 138 -4.19 -11.81 -28.83
CA PHE A 138 -5.19 -12.74 -28.31
C PHE A 138 -6.30 -13.01 -29.32
N LYS A 139 -6.72 -14.26 -29.39
CA LYS A 139 -7.76 -14.68 -30.32
C LYS A 139 -9.06 -14.00 -29.94
N GLU A 140 -9.65 -13.26 -30.88
CA GLU A 140 -10.84 -12.51 -30.55
C GLU A 140 -12.05 -13.43 -30.36
N SER A 141 -11.94 -14.68 -30.81
CA SER A 141 -12.97 -15.69 -30.53
C SER A 141 -13.15 -15.92 -29.03
N LEU A 142 -12.16 -15.54 -28.23
CA LEU A 142 -12.24 -15.64 -26.77
C LEU A 142 -13.09 -14.54 -26.14
N ALA A 143 -13.59 -13.62 -26.96
CA ALA A 143 -14.27 -12.44 -26.43
C ALA A 143 -15.61 -12.77 -25.75
N SER A 144 -16.14 -13.98 -25.98
CA SER A 144 -17.42 -14.37 -25.38
C SER A 144 -17.27 -15.19 -24.09
N ASP A 145 -16.04 -15.38 -23.65
CA ASP A 145 -15.71 -16.11 -22.43
C ASP A 145 -15.45 -15.14 -21.29
N VAL A 146 -16.49 -14.77 -20.56
CA VAL A 146 -16.34 -13.68 -19.58
C VAL A 146 -15.43 -14.05 -18.41
N LEU A 147 -15.50 -15.29 -17.92
CA LEU A 147 -14.64 -15.65 -16.79
C LEU A 147 -13.15 -15.73 -17.22
N GLY A 148 -12.93 -16.13 -18.47
CA GLY A 148 -11.58 -16.15 -19.02
C GLY A 148 -11.03 -14.73 -19.11
N LEU A 149 -11.85 -13.83 -19.64
CA LEU A 149 -11.47 -12.42 -19.78
C LEU A 149 -11.18 -11.78 -18.43
N LEU A 150 -11.97 -12.12 -17.41
CA LEU A 150 -11.80 -11.51 -16.10
C LEU A 150 -10.48 -11.95 -15.50
N ASN A 151 -10.18 -13.24 -15.61
CA ASN A 151 -8.95 -13.75 -15.02
C ASN A 151 -7.72 -13.31 -15.80
N LEU A 152 -7.87 -13.16 -17.12
CA LEU A 152 -6.79 -12.62 -17.94
C LEU A 152 -6.53 -11.17 -17.55
N TYR A 153 -7.60 -10.42 -17.35
CA TYR A 153 -7.50 -9.03 -16.90
C TYR A 153 -6.70 -8.95 -15.61
N GLU A 154 -7.08 -9.75 -14.62
CA GLU A 154 -6.38 -9.68 -13.33
C GLU A 154 -4.90 -10.08 -13.48
N ALA A 155 -4.65 -11.10 -14.32
CA ALA A 155 -3.29 -11.57 -14.56
C ALA A 155 -2.41 -10.54 -15.26
N SER A 156 -3.02 -9.69 -16.10
CA SER A 156 -2.25 -8.75 -16.91
C SER A 156 -1.50 -7.74 -16.05
N HIS A 157 -1.89 -7.63 -14.79
CA HIS A 157 -1.28 -6.63 -13.90
C HIS A 157 -0.09 -7.20 -13.14
N VAL A 158 0.24 -8.46 -13.35
CA VAL A 158 1.36 -9.02 -12.61
C VAL A 158 2.56 -9.28 -13.53
N ARG A 159 2.63 -8.61 -14.66
CA ARG A 159 3.73 -8.96 -15.56
C ARG A 159 5.02 -8.26 -15.20
N THR A 160 6.13 -8.86 -15.65
CA THR A 160 7.48 -8.35 -15.50
C THR A 160 7.97 -7.86 -16.86
N HIS A 161 9.23 -7.47 -16.97
CA HIS A 161 9.73 -7.05 -18.27
C HIS A 161 9.92 -8.22 -19.23
N ALA A 162 9.85 -9.45 -18.74
CA ALA A 162 10.03 -10.61 -19.61
C ALA A 162 8.71 -11.13 -20.21
N ASP A 163 7.60 -10.43 -19.92
CA ASP A 163 6.28 -10.91 -20.32
C ASP A 163 5.59 -10.08 -21.40
N ASP A 164 6.33 -9.66 -22.42
CA ASP A 164 5.75 -8.87 -23.49
C ASP A 164 4.75 -9.66 -24.34
N ILE A 165 4.74 -10.98 -24.21
CA ILE A 165 3.68 -11.79 -24.82
C ILE A 165 2.31 -11.37 -24.27
N LEU A 166 2.31 -10.78 -23.07
CA LEU A 166 1.09 -10.31 -22.43
C LEU A 166 0.81 -8.84 -22.70
N GLU A 167 1.54 -8.23 -23.61
CA GLU A 167 1.46 -6.79 -23.88
C GLU A 167 0.04 -6.32 -24.22
N ASP A 168 -0.72 -7.20 -24.87
CA ASP A 168 -2.05 -6.89 -25.41
C ASP A 168 -3.19 -7.26 -24.45
N ALA A 169 -2.85 -7.99 -23.38
CA ALA A 169 -3.86 -8.60 -22.51
C ALA A 169 -4.75 -7.59 -21.78
N LEU A 170 -4.16 -6.50 -21.28
CA LEU A 170 -4.98 -5.54 -20.55
C LEU A 170 -5.99 -4.87 -21.46
N ALA A 171 -5.55 -4.43 -22.64
CA ALA A 171 -6.43 -3.75 -23.59
C ALA A 171 -7.53 -4.68 -24.12
N PHE A 172 -7.14 -5.90 -24.47
CA PHE A 172 -8.06 -6.92 -24.97
C PHE A 172 -9.16 -7.27 -23.97
N SER A 173 -8.76 -7.66 -22.75
CA SER A 173 -9.74 -8.07 -21.76
C SER A 173 -10.61 -6.89 -21.35
N THR A 174 -10.01 -5.71 -21.20
CA THR A 174 -10.77 -4.52 -20.81
C THR A 174 -11.91 -4.18 -21.78
N ILE A 175 -11.62 -4.11 -23.08
CA ILE A 175 -12.63 -3.68 -24.03
C ILE A 175 -13.80 -4.69 -24.08
N HIS A 176 -13.50 -5.96 -23.88
CA HIS A 176 -14.54 -6.98 -24.00
C HIS A 176 -15.28 -7.18 -22.68
N LEU A 177 -14.63 -6.94 -21.55
CA LEU A 177 -15.34 -6.93 -20.27
C LEU A 177 -16.31 -5.76 -20.21
N GLU A 178 -15.85 -4.59 -20.68
CA GLU A 178 -16.71 -3.43 -20.73
C GLU A 178 -17.95 -3.70 -21.56
N SER A 179 -17.75 -4.34 -22.71
CA SER A 179 -18.85 -4.66 -23.61
C SER A 179 -19.84 -5.65 -22.99
N ALA A 180 -19.32 -6.62 -22.24
CA ALA A 180 -20.18 -7.68 -21.72
C ALA A 180 -20.89 -7.26 -20.43
N ALA A 181 -20.26 -6.39 -19.65
CA ALA A 181 -20.69 -6.12 -18.27
C ALA A 181 -22.19 -5.84 -18.09
N PRO A 182 -22.79 -4.96 -18.92
CA PRO A 182 -24.17 -4.59 -18.58
C PRO A 182 -25.16 -5.77 -18.56
N HIS A 183 -24.84 -6.87 -19.21
CA HIS A 183 -25.80 -7.98 -19.33
C HIS A 183 -25.46 -9.19 -18.47
N LEU A 184 -24.45 -9.06 -17.63
CA LEU A 184 -24.07 -10.16 -16.75
C LEU A 184 -24.99 -10.27 -15.54
N LYS A 185 -25.20 -11.49 -15.07
CA LYS A 185 -25.95 -11.74 -13.85
C LYS A 185 -25.16 -11.20 -12.67
N SER A 186 -25.83 -11.04 -11.53
CA SER A 186 -25.19 -10.59 -10.31
C SER A 186 -24.85 -11.78 -9.41
N PRO A 187 -23.76 -11.70 -8.64
CA PRO A 187 -22.84 -10.58 -8.49
C PRO A 187 -21.67 -10.54 -9.50
N LEU A 188 -21.70 -11.37 -10.54
CA LEU A 188 -20.60 -11.35 -11.51
C LEU A 188 -20.46 -9.95 -12.12
N ARG A 189 -21.58 -9.32 -12.45
CA ARG A 189 -21.54 -7.99 -13.07
C ARG A 189 -20.80 -7.01 -12.17
N GLU A 190 -21.12 -7.04 -10.88
CA GLU A 190 -20.51 -6.14 -9.91
C GLU A 190 -19.03 -6.45 -9.72
N GLN A 191 -18.67 -7.73 -9.77
CA GLN A 191 -17.27 -8.11 -9.67
C GLN A 191 -16.46 -7.58 -10.87
N VAL A 192 -17.03 -7.71 -12.07
CA VAL A 192 -16.36 -7.24 -13.29
C VAL A 192 -16.23 -5.72 -13.26
N THR A 193 -17.33 -5.05 -12.92
CA THR A 193 -17.35 -3.60 -12.87
C THR A 193 -16.32 -3.09 -11.86
N HIS A 194 -16.25 -3.73 -10.70
CA HIS A 194 -15.28 -3.37 -9.69
C HIS A 194 -13.86 -3.60 -10.19
N ALA A 195 -13.61 -4.73 -10.85
CA ALA A 195 -12.28 -5.06 -11.34
C ALA A 195 -11.78 -4.02 -12.33
N LEU A 196 -12.67 -3.50 -13.16
CA LEU A 196 -12.26 -2.50 -14.15
C LEU A 196 -11.85 -1.18 -13.48
N GLU A 197 -12.44 -0.87 -12.33
CA GLU A 197 -12.06 0.31 -11.55
C GLU A 197 -10.82 0.06 -10.70
N GLN A 198 -10.70 -1.16 -10.17
CA GLN A 198 -9.61 -1.49 -9.26
C GLN A 198 -9.18 -2.93 -9.43
N CYS A 199 -8.05 -3.18 -10.07
CA CYS A 199 -7.60 -4.56 -10.21
C CYS A 199 -7.20 -5.10 -8.84
N LEU A 200 -7.20 -6.42 -8.71
CA LEU A 200 -6.90 -7.06 -7.43
C LEU A 200 -5.46 -6.86 -7.00
N HIS A 201 -4.53 -7.05 -7.93
CA HIS A 201 -3.10 -7.06 -7.60
C HIS A 201 -2.60 -5.73 -7.04
N LYS A 202 -3.22 -4.64 -7.48
CA LYS A 202 -2.77 -3.33 -7.04
C LYS A 202 -3.67 -2.69 -5.99
N GLY A 203 -4.65 -3.45 -5.47
CA GLY A 203 -5.54 -2.92 -4.44
C GLY A 203 -4.99 -3.14 -3.04
N VAL A 204 -5.48 -2.38 -2.06
CA VAL A 204 -5.14 -2.62 -0.66
C VAL A 204 -5.90 -3.86 -0.18
N PRO A 205 -5.18 -4.86 0.36
CA PRO A 205 -5.78 -6.17 0.66
C PRO A 205 -7.05 -6.08 1.56
N ARG A 206 -7.03 -5.35 2.67
CA ARG A 206 -8.24 -5.28 3.51
C ARG A 206 -9.39 -4.65 2.75
N VAL A 207 -9.10 -3.63 1.95
CA VAL A 207 -10.14 -2.97 1.16
C VAL A 207 -10.76 -3.94 0.15
N GLU A 208 -9.93 -4.70 -0.55
CA GLU A 208 -10.44 -5.64 -1.54
C GLU A 208 -11.19 -6.78 -0.87
N THR A 209 -10.66 -7.23 0.26
CA THR A 209 -11.32 -8.26 1.06
C THR A 209 -12.71 -7.82 1.51
N ARG A 210 -12.83 -6.60 2.04
CA ARG A 210 -14.13 -6.11 2.52
C ARG A 210 -15.16 -6.08 1.39
N PHE A 211 -14.76 -5.58 0.23
CA PHE A 211 -15.64 -5.59 -0.94
C PHE A 211 -16.00 -7.02 -1.34
N PHE A 212 -15.01 -7.90 -1.44
CA PHE A 212 -15.28 -9.26 -1.91
C PHE A 212 -16.27 -9.98 -0.98
N ILE A 213 -16.01 -9.94 0.32
CA ILE A 213 -16.86 -10.64 1.26
C ILE A 213 -18.31 -10.15 1.15
N SER A 214 -18.52 -8.83 1.23
CA SER A 214 -19.87 -8.28 1.38
C SER A 214 -20.60 -8.09 0.07
N SER A 215 -19.89 -7.65 -0.96
CA SER A 215 -20.57 -7.36 -2.22
C SER A 215 -20.62 -8.56 -3.17
N ILE A 216 -19.63 -9.45 -3.09
CA ILE A 216 -19.58 -10.54 -4.07
C ILE A 216 -19.92 -11.89 -3.43
N TYR A 217 -19.03 -12.42 -2.60
CA TYR A 217 -19.15 -13.79 -2.13
C TYR A 217 -20.44 -14.01 -1.34
N ASP A 218 -20.80 -13.03 -0.51
CA ASP A 218 -22.05 -13.12 0.25
C ASP A 218 -23.26 -13.28 -0.66
N LYS A 219 -23.13 -12.84 -1.91
CA LYS A 219 -24.27 -12.84 -2.84
C LYS A 219 -24.16 -13.93 -3.90
N GLU A 220 -23.09 -14.72 -3.84
CA GLU A 220 -22.91 -15.83 -4.79
C GLU A 220 -23.83 -16.99 -4.48
N GLN A 221 -24.57 -17.49 -5.47
CA GLN A 221 -25.46 -18.64 -5.23
C GLN A 221 -24.65 -19.89 -4.85
N SER A 222 -23.45 -19.98 -5.40
CA SER A 222 -22.57 -21.14 -5.18
C SER A 222 -21.62 -21.03 -3.98
N LYS A 223 -21.76 -19.99 -3.16
CA LYS A 223 -20.79 -19.71 -2.10
C LYS A 223 -20.61 -20.92 -1.17
N ASN A 224 -19.41 -21.13 -0.66
CA ASN A 224 -19.23 -22.14 0.37
C ASN A 224 -19.55 -21.47 1.72
N ASN A 225 -20.48 -22.06 2.48
CA ASN A 225 -21.00 -21.40 3.68
C ASN A 225 -19.98 -21.39 4.79
N VAL A 226 -19.14 -22.42 4.81
CA VAL A 226 -18.09 -22.52 5.81
C VAL A 226 -17.09 -21.39 5.59
N LEU A 227 -16.71 -21.16 4.33
CA LEU A 227 -15.73 -20.11 4.03
C LEU A 227 -16.30 -18.72 4.25
N LEU A 228 -17.57 -18.52 3.89
CA LEU A 228 -18.18 -17.20 4.03
C LEU A 228 -18.30 -16.84 5.52
N ARG A 229 -18.69 -17.80 6.36
CA ARG A 229 -18.83 -17.51 7.78
C ARG A 229 -17.48 -17.25 8.40
N PHE A 230 -16.51 -18.10 8.07
CA PHE A 230 -15.11 -17.94 8.48
C PHE A 230 -14.63 -16.52 8.13
N ALA A 231 -14.83 -16.11 6.89
CA ALA A 231 -14.33 -14.81 6.45
C ALA A 231 -14.97 -13.66 7.21
N LYS A 232 -16.27 -13.74 7.48
CA LYS A 232 -16.97 -12.66 8.17
C LYS A 232 -16.52 -12.54 9.62
N LEU A 233 -16.47 -13.66 10.33
CA LEU A 233 -16.05 -13.67 11.73
C LEU A 233 -14.62 -13.18 11.86
N ASP A 234 -13.76 -13.65 10.97
CA ASP A 234 -12.35 -13.27 11.02
C ASP A 234 -12.14 -11.78 10.73
N PHE A 235 -12.81 -11.28 9.68
CA PHE A 235 -12.74 -9.85 9.39
C PHE A 235 -13.20 -9.01 10.59
N ASN A 236 -14.32 -9.40 11.20
CA ASN A 236 -14.86 -8.63 12.31
C ASN A 236 -14.02 -8.76 13.57
N LEU A 237 -13.41 -9.92 13.78
CA LEU A 237 -12.54 -10.10 14.93
C LEU A 237 -11.27 -9.28 14.79
N LEU A 238 -10.66 -9.30 13.61
CA LEU A 238 -9.49 -8.47 13.37
C LEU A 238 -9.83 -6.98 13.48
N GLN A 239 -11.01 -6.60 12.98
CA GLN A 239 -11.47 -5.21 13.04
C GLN A 239 -11.48 -4.70 14.47
N MET A 240 -11.81 -5.58 15.43
CA MET A 240 -11.83 -5.22 16.85
C MET A 240 -10.42 -4.85 17.32
N LEU A 241 -9.44 -5.62 16.89
CA LEU A 241 -8.05 -5.31 17.19
C LEU A 241 -7.64 -3.96 16.60
N HIS A 242 -8.01 -3.74 15.34
CA HIS A 242 -7.65 -2.50 14.65
C HIS A 242 -8.23 -1.29 15.35
N LYS A 243 -9.45 -1.43 15.84
CA LYS A 243 -10.10 -0.35 16.56
C LYS A 243 -9.41 -0.06 17.89
N GLN A 244 -8.96 -1.12 18.58
CA GLN A 244 -8.20 -0.94 19.81
C GLN A 244 -6.92 -0.17 19.50
N GLU A 245 -6.22 -0.61 18.45
CA GLU A 245 -4.99 0.06 18.04
C GLU A 245 -5.25 1.52 17.72
N LEU A 246 -6.30 1.78 16.94
CA LEU A 246 -6.61 3.16 16.55
C LEU A 246 -7.03 4.01 17.75
N ALA A 247 -7.72 3.42 18.72
CA ALA A 247 -8.04 4.11 19.96
C ALA A 247 -6.76 4.50 20.69
N GLN A 248 -5.85 3.55 20.79
CA GLN A 248 -4.60 3.75 21.49
C GLN A 248 -3.76 4.83 20.78
N VAL A 249 -3.73 4.78 19.45
CA VAL A 249 -3.06 5.79 18.66
C VAL A 249 -3.77 7.15 18.71
N SER A 250 -5.11 7.15 18.74
CA SER A 250 -5.87 8.42 18.81
C SER A 250 -5.62 9.17 20.13
N ARG A 251 -5.46 8.42 21.21
CA ARG A 251 -5.17 8.99 22.52
C ARG A 251 -3.75 9.57 22.56
N TRP A 252 -2.81 8.82 21.98
CA TRP A 252 -1.43 9.29 21.83
C TRP A 252 -1.38 10.62 21.09
N TRP A 253 -2.08 10.70 19.96
CA TRP A 253 -2.15 11.92 19.15
C TRP A 253 -2.83 13.06 19.88
N LYS A 254 -3.92 12.74 20.56
CA LYS A 254 -4.67 13.72 21.32
C LYS A 254 -3.80 14.37 22.38
N ASP A 255 -3.00 13.55 23.05
CA ASP A 255 -2.14 14.03 24.14
C ASP A 255 -0.92 14.81 23.65
N LEU A 256 -0.61 14.72 22.36
CA LEU A 256 0.43 15.57 21.78
C LEU A 256 -0.18 16.93 21.40
N ASP A 257 -1.48 16.94 21.11
CA ASP A 257 -2.26 18.16 20.86
C ASP A 257 -1.68 19.08 19.79
N PHE A 258 -1.14 18.50 18.71
CA PHE A 258 -0.66 19.29 17.58
C PHE A 258 -1.81 20.04 16.93
N VAL A 259 -2.99 19.43 16.99
CA VAL A 259 -4.22 20.05 16.50
C VAL A 259 -4.40 21.50 16.98
N THR A 260 -3.92 21.81 18.18
CA THR A 260 -4.00 23.20 18.66
C THR A 260 -2.65 23.91 18.67
N THR A 261 -1.57 23.22 19.03
CA THR A 261 -0.27 23.90 19.13
C THR A 261 0.43 24.02 17.78
N LEU A 262 0.07 23.17 16.82
CA LEU A 262 0.61 23.32 15.47
C LEU A 262 -0.53 23.33 14.44
N PRO A 263 -1.36 24.37 14.48
CA PRO A 263 -2.62 24.39 13.73
C PRO A 263 -2.44 24.51 12.23
N TYR A 264 -1.21 24.76 11.79
CA TYR A 264 -0.93 24.87 10.36
C TYR A 264 -0.88 23.50 9.69
N ALA A 265 -0.77 22.45 10.50
CA ALA A 265 -0.52 21.11 9.97
C ALA A 265 -1.80 20.31 9.73
N ARG A 266 -1.72 19.39 8.76
CA ARG A 266 -2.81 18.45 8.50
C ARG A 266 -3.05 17.53 9.70
N ASP A 267 -4.29 17.46 10.15
CA ASP A 267 -4.70 16.57 11.24
C ASP A 267 -5.29 15.26 10.65
N ARG A 268 -4.46 14.24 10.52
CA ARG A 268 -4.79 13.06 9.73
C ARG A 268 -4.33 11.75 10.38
N VAL A 269 -4.46 11.60 11.69
CA VAL A 269 -3.91 10.40 12.30
C VAL A 269 -4.74 9.15 11.93
N VAL A 270 -6.02 9.33 11.62
CA VAL A 270 -6.85 8.20 11.19
C VAL A 270 -6.42 7.74 9.79
N GLU A 271 -6.21 8.71 8.90
CA GLU A 271 -5.73 8.42 7.55
C GLU A 271 -4.34 7.79 7.62
N CYS A 272 -3.52 8.24 8.56
CA CYS A 272 -2.21 7.62 8.78
C CYS A 272 -2.36 6.18 9.24
N TYR A 273 -3.38 5.93 10.07
CA TYR A 273 -3.63 4.57 10.53
C TYR A 273 -4.08 3.70 9.36
N PHE A 274 -4.91 4.24 8.48
CA PHE A 274 -5.34 3.50 7.30
C PHE A 274 -4.13 3.10 6.46
N TRP A 275 -3.14 3.98 6.39
CA TRP A 275 -1.93 3.68 5.63
CA TRP A 275 -1.90 3.71 5.65
C TRP A 275 -1.18 2.52 6.27
N ALA A 276 -1.03 2.55 7.59
CA ALA A 276 -0.32 1.49 8.30
C ALA A 276 -1.09 0.17 8.19
N LEU A 277 -2.42 0.25 8.18
CA LEU A 277 -3.27 -0.94 8.06
C LEU A 277 -3.12 -1.58 6.66
N GLY A 278 -2.90 -0.74 5.65
CA GLY A 278 -2.61 -1.19 4.30
C GLY A 278 -1.31 -1.94 4.17
N VAL A 279 -0.31 -1.55 4.96
CA VAL A 279 1.01 -2.18 4.93
C VAL A 279 0.97 -3.59 5.48
N TYR A 280 0.26 -3.77 6.59
CA TYR A 280 -0.05 -5.10 7.11
C TYR A 280 -1.27 -5.02 8.03
N PHE A 281 -2.14 -6.02 7.94
CA PHE A 281 -3.37 -6.05 8.74
C PHE A 281 -3.37 -7.19 9.77
N GLU A 282 -2.45 -8.14 9.62
CA GLU A 282 -2.47 -9.33 10.48
C GLU A 282 -2.20 -9.01 11.95
N PRO A 283 -2.74 -9.82 12.87
CA PRO A 283 -2.59 -9.52 14.30
C PRO A 283 -1.14 -9.57 14.79
N GLN A 284 -0.28 -10.36 14.18
CA GLN A 284 1.11 -10.43 14.62
C GLN A 284 1.91 -9.15 14.31
N TYR A 285 1.34 -8.27 13.51
CA TYR A 285 1.99 -7.00 13.17
C TYR A 285 1.36 -5.84 13.92
N SER A 286 0.74 -6.14 15.06
CA SER A 286 0.04 -5.14 15.83
C SER A 286 1.02 -4.08 16.33
N GLN A 287 2.10 -4.52 16.96
CA GLN A 287 3.12 -3.60 17.44
C GLN A 287 3.75 -2.83 16.28
N ALA A 288 3.96 -3.52 15.16
CA ALA A 288 4.55 -2.89 13.98
C ALA A 288 3.65 -1.80 13.42
N ARG A 289 2.34 -2.07 13.36
CA ARG A 289 1.37 -1.09 12.84
C ARG A 289 1.33 0.17 13.67
N VAL A 290 1.39 -0.01 14.98
CA VAL A 290 1.27 1.11 15.89
C VAL A 290 2.52 1.99 15.83
N MET A 291 3.70 1.37 15.78
CA MET A 291 4.93 2.12 15.57
C MET A 291 4.93 2.87 14.25
N LEU A 292 4.45 2.21 13.19
CA LEU A 292 4.44 2.78 11.85
C LEU A 292 3.54 4.00 11.76
N VAL A 293 2.32 3.91 12.29
CA VAL A 293 1.39 5.04 12.17
C VAL A 293 1.91 6.28 12.88
N LYS A 294 2.61 6.10 14.00
CA LYS A 294 3.18 7.23 14.74
C LYS A 294 4.23 7.98 13.93
N THR A 295 5.04 7.23 13.20
CA THR A 295 6.06 7.79 12.31
C THR A 295 5.42 8.51 11.13
N ILE A 296 4.42 7.89 10.51
CA ILE A 296 3.73 8.51 9.37
C ILE A 296 3.10 9.84 9.81
N SER A 297 2.43 9.82 10.97
CA SER A 297 1.87 11.00 11.58
C SER A 297 2.88 12.12 11.81
N MET A 298 4.01 11.75 12.36
CA MET A 298 5.00 12.73 12.78
C MET A 298 5.76 13.32 11.58
N ILE A 299 5.98 12.51 10.54
CA ILE A 299 6.71 13.03 9.40
C ILE A 299 5.79 13.91 8.58
N SER A 300 4.50 13.62 8.65
CA SER A 300 3.48 14.48 8.05
C SER A 300 3.52 15.89 8.64
N ILE A 301 3.74 16.00 9.95
CA ILE A 301 3.90 17.29 10.60
C ILE A 301 5.13 18.03 10.06
N VAL A 302 6.23 17.29 9.94
CA VAL A 302 7.48 17.89 9.46
C VAL A 302 7.27 18.40 8.04
N ASP A 303 6.59 17.61 7.20
CA ASP A 303 6.33 17.99 5.81
C ASP A 303 5.58 19.31 5.72
N ASP A 304 4.53 19.46 6.52
CA ASP A 304 3.71 20.67 6.48
C ASP A 304 4.46 21.89 7.02
N THR A 305 5.42 21.66 7.90
CA THR A 305 6.27 22.73 8.41
C THR A 305 7.20 23.26 7.31
N PHE A 306 7.74 22.36 6.51
CA PHE A 306 8.56 22.78 5.38
C PHE A 306 7.71 23.39 4.27
N ASP A 307 6.52 22.83 4.05
CA ASP A 307 5.76 23.18 2.86
C ASP A 307 4.89 24.41 3.04
N ALA A 308 4.39 24.63 4.26
CA ALA A 308 3.29 25.57 4.43
C ALA A 308 3.40 26.49 5.65
N TYR A 309 4.58 26.64 6.23
CA TYR A 309 4.67 27.51 7.42
C TYR A 309 6.06 28.12 7.66
N GLY A 310 7.07 27.26 7.77
CA GLY A 310 8.39 27.70 8.20
C GLY A 310 9.12 28.57 7.19
N THR A 311 9.87 29.54 7.70
CA THR A 311 10.69 30.42 6.88
C THR A 311 12.00 29.74 6.47
N VAL A 312 12.66 30.27 5.45
CA VAL A 312 13.92 29.70 4.96
C VAL A 312 14.94 29.48 6.08
N LYS A 313 15.14 30.51 6.90
CA LYS A 313 16.09 30.45 8.00
C LYS A 313 15.67 29.44 9.09
N GLU A 314 14.39 29.43 9.43
CA GLU A 314 13.88 28.46 10.41
C GLU A 314 14.10 27.04 9.90
N LEU A 315 13.76 26.80 8.63
CA LEU A 315 13.86 25.47 8.08
C LEU A 315 15.32 24.99 8.07
N GLU A 316 16.25 25.92 7.89
CA GLU A 316 17.68 25.61 7.96
C GLU A 316 18.11 25.10 9.35
N ALA A 317 17.70 25.82 10.40
CA ALA A 317 17.98 25.40 11.77
C ALA A 317 17.35 24.05 12.09
N TYR A 318 16.08 23.90 11.72
CA TYR A 318 15.38 22.63 11.92
C TYR A 318 16.15 21.48 11.27
N THR A 319 16.54 21.67 10.01
CA THR A 319 17.26 20.64 9.26
C THR A 319 18.56 20.26 9.96
N ASP A 320 19.33 21.26 10.37
CA ASP A 320 20.58 21.03 11.08
C ASP A 320 20.36 20.31 12.42
N ALA A 321 19.36 20.72 13.19
CA ALA A 321 19.05 20.06 14.45
C ALA A 321 18.72 18.58 14.24
N ILE A 322 17.95 18.26 13.19
CA ILE A 322 17.65 16.85 12.87
C ILE A 322 18.91 16.04 12.59
N GLN A 323 19.85 16.61 11.81
CA GLN A 323 21.12 15.93 11.53
C GLN A 323 21.92 15.66 12.82
N ARG A 324 21.90 16.61 13.75
CA ARG A 324 22.64 16.47 14.99
C ARG A 324 21.92 15.57 15.99
N TRP A 325 20.59 15.58 15.93
CA TRP A 325 19.75 14.65 16.70
C TRP A 325 20.14 14.64 18.16
N ASP A 326 19.97 15.78 18.81
CA ASP A 326 20.43 15.96 20.18
C ASP A 326 19.50 16.94 20.83
N ILE A 327 18.95 16.57 21.98
CA ILE A 327 17.99 17.42 22.66
C ILE A 327 18.60 18.80 23.01
N ASN A 328 19.93 18.88 23.08
CA ASN A 328 20.61 20.16 23.32
C ASN A 328 20.35 21.18 22.22
N GLU A 329 19.89 20.72 21.07
CA GLU A 329 19.71 21.59 19.92
C GLU A 329 18.39 22.36 19.95
N ILE A 330 17.46 21.98 20.84
CA ILE A 330 16.11 22.56 20.85
C ILE A 330 16.13 24.10 20.91
N ASP A 331 17.08 24.65 21.65
CA ASP A 331 17.12 26.08 21.92
C ASP A 331 17.49 26.91 20.69
N ARG A 332 18.04 26.25 19.68
CA ARG A 332 18.34 26.89 18.40
C ARG A 332 17.07 27.10 17.57
N LEU A 333 15.95 26.53 18.04
CA LEU A 333 14.72 26.51 17.25
C LEU A 333 13.67 27.46 17.80
N PRO A 334 12.81 28.00 16.92
CA PRO A 334 11.63 28.74 17.39
C PRO A 334 10.77 27.82 18.25
N ASP A 335 9.97 28.41 19.12
CA ASP A 335 9.14 27.65 20.05
C ASP A 335 8.33 26.58 19.33
N TYR A 336 7.69 26.96 18.23
CA TYR A 336 6.77 26.08 17.57
C TYR A 336 7.53 24.89 16.96
N MET A 337 8.81 25.08 16.66
CA MET A 337 9.62 23.98 16.14
C MET A 337 10.13 23.10 17.27
N LYS A 338 10.31 23.68 18.45
CA LYS A 338 10.68 22.93 19.64
C LYS A 338 9.64 21.84 19.93
N ILE A 339 8.38 22.14 19.64
CA ILE A 339 7.30 21.22 19.94
C ILE A 339 7.48 19.93 19.16
N SER A 340 7.69 20.03 17.86
CA SER A 340 7.80 18.83 17.04
C SER A 340 9.16 18.15 17.23
N TYR A 341 10.21 18.94 17.40
CA TYR A 341 11.55 18.38 17.55
C TYR A 341 11.63 17.48 18.79
N LYS A 342 11.12 17.95 19.93
CA LYS A 342 11.11 17.12 21.12
C LYS A 342 10.23 15.88 20.94
N ALA A 343 9.05 16.08 20.35
CA ALA A 343 8.15 14.97 20.07
C ALA A 343 8.85 13.90 19.23
N ILE A 344 9.63 14.33 18.24
CA ILE A 344 10.33 13.39 17.37
C ILE A 344 11.38 12.60 18.16
N LEU A 345 12.23 13.30 18.91
CA LEU A 345 13.27 12.63 19.70
C LEU A 345 12.64 11.68 20.73
N ASP A 346 11.59 12.12 21.39
CA ASP A 346 10.87 11.27 22.34
C ASP A 346 10.29 10.01 21.70
N LEU A 347 9.75 10.17 20.49
CA LEU A 347 9.14 9.03 19.81
C LEU A 347 10.16 7.93 19.63
N TYR A 348 11.39 8.31 19.26
CA TYR A 348 12.40 7.32 18.99
C TYR A 348 12.98 6.72 20.26
N LYS A 349 12.97 7.50 21.35
CA LYS A 349 13.26 6.94 22.67
C LYS A 349 12.17 5.93 23.06
N ASP A 350 10.91 6.27 22.82
CA ASP A 350 9.80 5.31 22.99
C ASP A 350 10.04 4.00 22.23
N TYR A 351 10.39 4.11 20.95
CA TYR A 351 10.64 2.94 20.12
C TYR A 351 11.72 2.07 20.74
N GLU A 352 12.80 2.71 21.16
CA GLU A 352 13.94 2.01 21.76
C GLU A 352 13.53 1.22 23.00
N LYS A 353 12.71 1.82 23.84
CA LYS A 353 12.29 1.19 25.10
C LYS A 353 11.35 0.02 24.80
N GLU A 354 10.50 0.25 23.81
CA GLU A 354 9.48 -0.69 23.38
C GLU A 354 10.10 -1.95 22.76
N LEU A 355 11.31 -1.82 22.21
CA LEU A 355 12.00 -2.94 21.57
C LEU A 355 13.06 -3.56 22.48
N SER A 356 13.12 -3.12 23.73
CA SER A 356 14.20 -3.51 24.65
C SER A 356 14.18 -4.98 25.08
N SER A 357 12.99 -5.47 25.45
CA SER A 357 12.87 -6.80 26.00
C SER A 357 13.13 -7.89 24.97
N ALA A 358 13.10 -7.52 23.69
CA ALA A 358 13.41 -8.45 22.61
C ALA A 358 14.86 -8.29 22.16
N GLY A 359 15.58 -7.36 22.77
CA GLY A 359 16.96 -7.09 22.43
C GLY A 359 17.12 -6.54 21.02
N ARG A 360 16.15 -5.74 20.60
CA ARG A 360 16.13 -5.21 19.24
C ARG A 360 16.19 -3.69 19.18
N SER A 361 16.61 -3.06 20.27
CA SER A 361 16.63 -1.60 20.35
C SER A 361 17.54 -0.96 19.31
N HIS A 362 18.68 -1.60 19.08
CA HIS A 362 19.72 -1.06 18.20
C HIS A 362 19.29 -0.86 16.75
N ILE A 363 18.17 -1.46 16.34
CA ILE A 363 17.75 -1.35 14.93
C ILE A 363 17.04 -0.03 14.67
N VAL A 364 16.71 0.71 15.73
CA VAL A 364 16.00 1.97 15.58
C VAL A 364 16.83 2.99 14.80
N CYS A 365 18.14 2.93 14.92
CA CYS A 365 19.00 3.87 14.22
C CYS A 365 18.84 3.84 12.69
N HIS A 366 18.41 2.71 12.12
CA HIS A 366 18.20 2.65 10.67
C HIS A 366 17.07 3.57 10.23
N ALA A 367 15.98 3.60 10.99
CA ALA A 367 14.87 4.48 10.69
C ALA A 367 15.27 5.94 10.90
N ILE A 368 16.04 6.19 11.96
CA ILE A 368 16.50 7.55 12.25
C ILE A 368 17.33 8.13 11.10
N GLU A 369 18.25 7.33 10.57
CA GLU A 369 19.09 7.82 9.46
C GLU A 369 18.26 8.10 8.19
N ARG A 370 17.19 7.33 7.98
CA ARG A 370 16.30 7.59 6.86
C ARG A 370 15.49 8.86 7.11
N MET A 371 15.14 9.10 8.37
CA MET A 371 14.41 10.33 8.67
C MET A 371 15.30 11.54 8.39
N LYS A 372 16.56 11.48 8.81
CA LYS A 372 17.50 12.58 8.53
C LYS A 372 17.58 12.87 7.04
N GLU A 373 17.59 11.81 6.22
CA GLU A 373 17.64 11.90 4.76
C GLU A 373 16.40 12.61 4.19
N VAL A 374 15.21 12.23 4.65
CA VAL A 374 14.00 12.92 4.26
C VAL A 374 14.07 14.43 4.53
N VAL A 375 14.50 14.82 5.73
CA VAL A 375 14.53 16.23 6.13
C VAL A 375 15.59 17.04 5.36
N ARG A 376 16.75 16.43 5.07
CA ARG A 376 17.74 17.11 4.22
C ARG A 376 17.12 17.46 2.89
N ASN A 377 16.37 16.50 2.33
CA ASN A 377 15.81 16.67 1.00
C ASN A 377 14.59 17.60 1.00
N TYR A 378 13.80 17.59 2.07
CA TYR A 378 12.80 18.63 2.30
C TYR A 378 13.44 20.02 2.18
N ASN A 379 14.58 20.19 2.85
CA ASN A 379 15.26 21.48 2.87
C ASN A 379 15.79 21.87 1.48
N VAL A 380 16.32 20.88 0.76
CA VAL A 380 16.74 21.13 -0.62
C VAL A 380 15.54 21.62 -1.44
N GLU A 381 14.39 20.96 -1.28
CA GLU A 381 13.19 21.30 -2.02
C GLU A 381 12.74 22.74 -1.72
N SER A 382 12.89 23.15 -0.46
CA SER A 382 12.59 24.52 -0.05
C SER A 382 13.57 25.54 -0.65
N THR A 383 14.86 25.21 -0.62
CA THR A 383 15.86 26.04 -1.29
C THR A 383 15.52 26.24 -2.76
N TRP A 384 15.17 25.16 -3.44
CA TRP A 384 14.79 25.21 -4.86
C TRP A 384 13.61 26.14 -5.10
N PHE A 385 12.62 26.04 -4.23
CA PHE A 385 11.45 26.89 -4.32
C PHE A 385 11.80 28.38 -4.19
N ILE A 386 12.56 28.74 -3.17
CA ILE A 386 12.94 30.12 -2.91
C ILE A 386 13.79 30.70 -4.04
N GLU A 387 14.64 29.87 -4.63
CA GLU A 387 15.54 30.31 -5.72
C GLU A 387 14.85 30.34 -7.06
N GLY A 388 13.68 29.71 -7.16
CA GLY A 388 13.00 29.60 -8.44
C GLY A 388 13.72 28.67 -9.39
N TYR A 389 14.35 27.65 -8.83
CA TYR A 389 15.14 26.70 -9.61
C TYR A 389 14.29 25.57 -10.17
N THR A 390 14.43 25.31 -11.47
CA THR A 390 13.79 24.15 -12.09
C THR A 390 14.83 23.18 -12.61
N PRO A 391 15.17 22.18 -11.78
CA PRO A 391 16.22 21.21 -12.09
C PRO A 391 15.86 20.27 -13.24
N PRO A 392 16.86 19.70 -13.90
CA PRO A 392 16.61 18.61 -14.85
C PRO A 392 15.97 17.41 -14.13
N VAL A 393 15.34 16.50 -14.88
CA VAL A 393 14.57 15.45 -14.23
C VAL A 393 15.46 14.55 -13.37
N SER A 394 16.65 14.22 -13.88
CA SER A 394 17.58 13.39 -13.12
C SER A 394 17.95 14.04 -11.77
N GLU A 395 18.21 15.35 -11.78
CA GLU A 395 18.51 16.04 -10.52
C GLU A 395 17.28 16.09 -9.63
N TYR A 396 16.12 16.38 -10.23
CA TYR A 396 14.87 16.40 -9.51
C TYR A 396 14.65 15.12 -8.71
N LEU A 397 14.82 14.00 -9.39
CA LEU A 397 14.55 12.69 -8.80
C LEU A 397 15.58 12.34 -7.73
N SER A 398 16.83 12.72 -7.93
CA SER A 398 17.85 12.42 -6.93
C SER A 398 17.47 13.02 -5.56
N ASN A 399 16.68 14.10 -5.56
CA ASN A 399 16.17 14.69 -4.32
C ASN A 399 14.77 14.24 -3.95
N ALA A 400 13.87 14.24 -4.95
CA ALA A 400 12.47 14.10 -4.67
C ALA A 400 12.04 12.66 -4.40
N LEU A 401 12.88 11.68 -4.74
CA LEU A 401 12.54 10.30 -4.41
C LEU A 401 12.45 10.12 -2.89
N ALA A 402 13.41 10.64 -2.14
CA ALA A 402 13.37 10.48 -0.68
C ALA A 402 12.22 11.28 -0.04
N THR A 403 11.85 12.42 -0.64
CA THR A 403 10.82 13.26 -0.02
C THR A 403 9.43 12.62 -0.15
N THR A 404 9.32 11.48 -0.84
CA THR A 404 8.09 10.69 -0.80
C THR A 404 7.88 10.10 0.59
N THR A 405 8.97 10.05 1.34
CA THR A 405 9.11 9.40 2.65
C THR A 405 9.11 7.88 2.55
N TYR A 406 9.07 7.33 1.34
CA TYR A 406 8.85 5.90 1.20
C TYR A 406 10.07 5.02 1.53
N TYR A 407 11.30 5.53 1.40
CA TYR A 407 12.45 4.75 1.91
C TYR A 407 12.37 4.63 3.44
N TYR A 408 12.03 5.76 4.03
CA TYR A 408 11.80 5.90 5.47
C TYR A 408 10.62 5.07 6.02
N LEU A 409 9.47 5.11 5.35
CA LEU A 409 8.33 4.31 5.82
C LEU A 409 8.62 2.82 5.68
N ALA A 410 9.29 2.42 4.61
CA ALA A 410 9.59 1.01 4.44
C ALA A 410 10.52 0.53 5.58
N THR A 411 11.53 1.32 5.87
CA THR A 411 12.44 1.02 6.95
C THR A 411 11.70 0.96 8.28
N THR A 412 10.79 1.91 8.47
CA THR A 412 10.00 1.97 9.69
C THR A 412 9.12 0.75 9.83
N SER A 413 8.62 0.24 8.70
CA SER A 413 7.69 -0.89 8.75
C SER A 413 8.35 -2.13 9.37
N TYR A 414 9.67 -2.23 9.26
CA TYR A 414 10.42 -3.36 9.82
C TYR A 414 10.61 -3.33 11.35
N LEU A 415 10.55 -2.14 11.96
CA LEU A 415 10.88 -1.97 13.38
C LEU A 415 10.11 -2.91 14.31
N GLY A 416 8.81 -3.04 14.08
CA GLY A 416 7.98 -3.82 14.98
C GLY A 416 7.80 -5.23 14.48
N MET A 417 8.51 -5.57 13.41
CA MET A 417 8.50 -6.94 12.90
C MET A 417 9.57 -7.76 13.60
N LYS A 418 9.13 -8.66 14.47
CA LYS A 418 10.00 -9.39 15.38
C LYS A 418 11.10 -10.18 14.68
N SER A 419 10.84 -10.59 13.45
CA SER A 419 11.75 -11.48 12.75
C SER A 419 12.75 -10.72 11.86
N ALA A 420 12.60 -9.40 11.79
CA ALA A 420 13.52 -8.59 10.99
C ALA A 420 14.87 -8.52 11.65
N THR A 421 15.93 -8.78 10.88
CA THR A 421 17.28 -8.84 11.41
C THR A 421 18.15 -7.75 10.82
N GLU A 422 19.37 -7.65 11.32
CA GLU A 422 20.30 -6.65 10.85
C GLU A 422 20.52 -6.78 9.35
N GLN A 423 20.62 -8.02 8.89
CA GLN A 423 20.81 -8.32 7.46
C GLN A 423 19.66 -7.81 6.60
N ASP A 424 18.44 -7.83 7.13
CA ASP A 424 17.28 -7.30 6.42
C ASP A 424 17.40 -5.78 6.28
N PHE A 425 17.76 -5.10 7.37
CA PHE A 425 17.97 -3.65 7.31
C PHE A 425 19.13 -3.28 6.39
N GLU A 426 20.17 -4.11 6.41
CA GLU A 426 21.34 -3.92 5.55
C GLU A 426 20.96 -3.95 4.07
N TRP A 427 20.18 -4.96 3.68
CA TRP A 427 19.68 -5.05 2.32
C TRP A 427 18.83 -3.83 1.95
N LEU A 428 17.96 -3.40 2.86
CA LEU A 428 17.05 -2.29 2.59
C LEU A 428 17.83 -0.99 2.45
N SER A 429 18.91 -0.88 3.21
CA SER A 429 19.70 0.35 3.20
C SER A 429 20.42 0.59 1.88
N LYS A 430 20.57 -0.45 1.07
CA LYS A 430 21.28 -0.32 -0.20
C LYS A 430 20.37 0.09 -1.33
N ASN A 431 19.13 0.47 -0.99
CA ASN A 431 18.13 0.89 -1.97
C ASN A 431 17.90 -0.18 -3.03
N PRO A 432 17.39 -1.36 -2.63
CA PRO A 432 17.21 -2.42 -3.64
C PRO A 432 16.14 -2.02 -4.65
N LYS A 433 16.16 -2.65 -5.82
CA LYS A 433 15.27 -2.27 -6.90
C LYS A 433 13.77 -2.29 -6.56
N ILE A 434 13.32 -3.27 -5.78
CA ILE A 434 11.91 -3.34 -5.46
C ILE A 434 11.47 -2.11 -4.62
N LEU A 435 12.35 -1.65 -3.73
CA LEU A 435 12.06 -0.46 -2.94
C LEU A 435 12.08 0.80 -3.83
N GLU A 436 13.09 0.90 -4.68
CA GLU A 436 13.21 2.03 -5.58
C GLU A 436 11.96 2.17 -6.44
N ALA A 437 11.43 1.04 -6.91
CA ALA A 437 10.23 1.01 -7.73
C ALA A 437 9.01 1.54 -6.97
N SER A 438 8.84 1.07 -5.75
CA SER A 438 7.73 1.51 -4.93
C SER A 438 7.80 3.04 -4.66
N VAL A 439 9.01 3.52 -4.40
CA VAL A 439 9.27 4.95 -4.21
C VAL A 439 8.93 5.76 -5.46
N ILE A 440 9.38 5.27 -6.61
CA ILE A 440 9.09 5.89 -7.90
C ILE A 440 7.57 5.96 -8.17
N ILE A 441 6.86 4.87 -7.90
CA ILE A 441 5.41 4.88 -8.07
C ILE A 441 4.79 5.98 -7.21
N CYS A 442 5.21 6.08 -5.95
CA CYS A 442 4.68 7.12 -5.09
C CYS A 442 5.00 8.51 -5.65
N ARG A 443 6.24 8.69 -6.10
CA ARG A 443 6.68 10.00 -6.61
C ARG A 443 5.88 10.45 -7.84
N VAL A 444 5.81 9.61 -8.89
CA VAL A 444 5.20 10.03 -10.15
C VAL A 444 3.68 10.16 -10.04
N ILE A 445 3.06 9.32 -9.21
CA ILE A 445 1.61 9.40 -9.04
C ILE A 445 1.24 10.66 -8.25
N ASP A 446 1.99 10.95 -7.19
CA ASP A 446 1.75 12.16 -6.44
C ASP A 446 1.99 13.42 -7.29
N ASP A 447 3.05 13.40 -8.08
CA ASP A 447 3.38 14.54 -8.94
C ASP A 447 2.32 14.81 -10.00
N THR A 448 1.76 13.75 -10.57
CA THR A 448 0.72 13.86 -11.58
C THR A 448 -0.56 14.44 -10.96
N ALA A 449 -0.84 14.04 -9.73
CA ALA A 449 -2.08 14.44 -9.07
C ALA A 449 -1.99 15.82 -8.45
N THR A 450 -0.80 16.17 -7.92
CA THR A 450 -0.67 17.46 -7.25
C THR A 450 -0.02 18.52 -8.12
N TYR A 451 0.17 18.24 -9.40
CA TYR A 451 0.83 19.20 -10.28
C TYR A 451 0.11 20.56 -10.29
N GLU A 452 -1.17 20.55 -10.65
CA GLU A 452 -1.94 21.80 -10.79
C GLU A 452 -1.93 22.67 -9.53
N VAL A 453 -2.15 22.03 -8.38
CA VAL A 453 -2.18 22.70 -7.09
C VAL A 453 -0.83 23.36 -6.76
N GLU A 454 0.22 22.54 -6.70
CA GLU A 454 1.56 23.01 -6.41
C GLU A 454 1.99 24.09 -7.41
N LYS A 455 1.50 23.99 -8.65
CA LYS A 455 1.76 24.99 -9.67
C LYS A 455 1.11 26.34 -9.33
N SER A 456 -0.10 26.28 -8.80
CA SER A 456 -0.83 27.47 -8.37
C SER A 456 -0.15 28.16 -7.22
N ARG A 457 0.61 27.40 -6.44
CA ARG A 457 1.26 27.92 -5.24
C ARG A 457 2.68 28.38 -5.57
N GLY A 458 2.98 28.46 -6.86
CA GLY A 458 4.25 28.95 -7.33
C GLY A 458 5.41 27.97 -7.26
N GLN A 459 5.13 26.69 -7.04
CA GLN A 459 6.22 25.71 -6.91
C GLN A 459 6.72 25.29 -8.30
N ILE A 460 7.79 25.95 -8.75
CA ILE A 460 8.33 25.78 -10.09
C ILE A 460 9.17 24.52 -10.26
N ALA A 461 9.49 23.87 -9.15
CA ALA A 461 10.29 22.64 -9.19
C ALA A 461 9.43 21.38 -9.01
N THR A 462 8.17 21.42 -9.47
CA THR A 462 7.34 20.22 -9.41
C THR A 462 7.83 19.22 -10.45
N GLY A 463 7.60 17.94 -10.19
CA GLY A 463 8.04 16.89 -11.11
C GLY A 463 7.64 17.11 -12.56
N ILE A 464 6.35 17.33 -12.81
CA ILE A 464 5.86 17.51 -14.17
C ILE A 464 6.52 18.72 -14.84
N GLU A 465 6.70 19.81 -14.09
CA GLU A 465 7.35 21.00 -14.63
C GLU A 465 8.81 20.73 -15.05
N CYS A 466 9.57 20.09 -14.16
CA CYS A 466 10.93 19.65 -14.46
C CYS A 466 10.94 18.81 -15.73
N CYS A 467 9.97 17.90 -15.84
CA CYS A 467 9.84 17.04 -17.00
C CYS A 467 9.59 17.85 -18.27
N MET A 468 8.63 18.77 -18.21
CA MET A 468 8.31 19.61 -19.36
C MET A 468 9.50 20.43 -19.82
N ARG A 469 10.16 21.11 -18.90
CA ARG A 469 11.29 21.98 -19.22
C ARG A 469 12.48 21.17 -19.74
N ASP A 470 12.81 20.08 -19.04
CA ASP A 470 13.92 19.22 -19.45
C ASP A 470 13.76 18.66 -20.87
N TYR A 471 12.66 17.97 -21.14
CA TYR A 471 12.45 17.31 -22.42
C TYR A 471 11.81 18.19 -23.50
N GLY A 472 11.33 19.37 -23.10
CA GLY A 472 10.71 20.30 -24.02
C GLY A 472 9.39 19.78 -24.55
N ILE A 473 8.57 19.24 -23.65
CA ILE A 473 7.31 18.62 -24.01
C ILE A 473 6.12 19.20 -23.22
N SER A 474 4.90 18.93 -23.68
CA SER A 474 3.71 19.47 -23.03
C SER A 474 3.39 18.77 -21.73
N THR A 475 2.48 19.37 -20.96
CA THR A 475 2.04 18.78 -19.70
C THR A 475 1.48 17.38 -19.94
N LYS A 476 0.78 17.22 -21.06
CA LYS A 476 0.16 15.95 -21.41
C LYS A 476 1.21 14.87 -21.68
N GLU A 477 2.22 15.22 -22.48
CA GLU A 477 3.30 14.30 -22.78
C GLU A 477 4.10 13.95 -21.53
N ALA A 478 4.31 14.95 -20.67
CA ALA A 478 5.04 14.75 -19.43
C ALA A 478 4.26 13.86 -18.46
N MET A 479 2.96 14.06 -18.35
CA MET A 479 2.17 13.19 -17.50
C MET A 479 2.15 11.78 -18.07
N ALA A 480 2.18 11.67 -19.41
CA ALA A 480 2.24 10.35 -20.04
C ALA A 480 3.59 9.67 -19.79
N LYS A 481 4.68 10.44 -19.82
CA LYS A 481 5.99 9.86 -19.51
C LYS A 481 6.06 9.38 -18.06
N PHE A 482 5.47 10.16 -17.15
CA PHE A 482 5.40 9.74 -15.75
C PHE A 482 4.55 8.48 -15.58
N GLN A 483 3.49 8.35 -16.36
CA GLN A 483 2.70 7.13 -16.28
C GLN A 483 3.55 5.93 -16.71
N ASN A 484 4.39 6.12 -17.72
CA ASN A 484 5.27 5.03 -18.17
C ASN A 484 6.26 4.62 -17.09
N MET A 485 6.79 5.59 -16.36
CA MET A 485 7.70 5.28 -15.26
C MET A 485 7.01 4.44 -14.19
N ALA A 486 5.74 4.72 -13.94
CA ALA A 486 4.98 3.97 -12.97
C ALA A 486 4.77 2.54 -13.46
N GLU A 487 4.49 2.38 -14.76
CA GLU A 487 4.29 1.05 -15.34
C GLU A 487 5.58 0.23 -15.28
N THR A 488 6.69 0.87 -15.61
CA THR A 488 7.99 0.24 -15.54
C THR A 488 8.29 -0.22 -14.12
N ALA A 489 8.01 0.65 -13.15
CA ALA A 489 8.21 0.34 -11.75
C ALA A 489 7.34 -0.83 -11.26
N TRP A 490 6.08 -0.90 -11.69
CA TRP A 490 5.26 -2.05 -11.32
C TRP A 490 5.87 -3.34 -11.87
N LYS A 491 6.42 -3.30 -13.08
CA LYS A 491 7.07 -4.51 -13.63
C LYS A 491 8.29 -4.87 -12.79
N ASP A 492 9.02 -3.87 -12.31
CA ASP A 492 10.15 -4.09 -11.39
C ASP A 492 9.72 -4.67 -10.04
N ILE A 493 8.65 -4.14 -9.47
CA ILE A 493 8.07 -4.75 -8.27
C ILE A 493 7.69 -6.22 -8.50
N ASN A 494 6.99 -6.51 -9.59
CA ASN A 494 6.59 -7.89 -9.85
C ASN A 494 7.79 -8.79 -10.02
N GLU A 495 8.82 -8.29 -10.71
CA GLU A 495 10.04 -9.05 -10.87
C GLU A 495 10.74 -9.26 -9.52
N GLY A 496 10.65 -8.27 -8.63
CA GLY A 496 11.32 -8.31 -7.34
C GLY A 496 10.74 -9.35 -6.39
N LEU A 497 9.51 -9.79 -6.65
CA LEU A 497 8.85 -10.80 -5.82
C LEU A 497 9.24 -12.22 -6.22
N LEU A 498 9.86 -12.39 -7.38
CA LEU A 498 10.16 -13.72 -7.91
C LEU A 498 11.31 -14.40 -7.17
N ARG A 499 11.16 -15.71 -6.93
CA ARG A 499 12.17 -16.53 -6.27
C ARG A 499 13.39 -16.77 -7.15
N PRO A 500 14.59 -16.89 -6.55
CA PRO A 500 14.92 -16.70 -5.13
C PRO A 500 14.91 -15.23 -4.71
N THR A 501 14.19 -14.91 -3.64
CA THR A 501 14.13 -13.51 -3.19
C THR A 501 15.37 -13.18 -2.36
N PRO A 502 15.81 -11.91 -2.37
CA PRO A 502 17.03 -11.54 -1.65
C PRO A 502 16.86 -11.52 -0.13
N VAL A 503 15.62 -11.32 0.30
CA VAL A 503 15.27 -11.43 1.72
C VAL A 503 13.97 -12.21 1.76
N SER A 504 13.50 -12.57 2.95
CA SER A 504 12.24 -13.27 3.06
C SER A 504 11.09 -12.44 2.48
N THR A 505 10.15 -13.12 1.82
CA THR A 505 8.96 -12.51 1.26
C THR A 505 8.23 -11.65 2.28
N GLU A 506 8.28 -12.06 3.53
CA GLU A 506 7.68 -11.30 4.61
C GLU A 506 8.17 -9.83 4.61
N PHE A 507 9.37 -9.59 4.12
CA PHE A 507 9.92 -8.23 4.14
C PHE A 507 9.78 -7.52 2.81
N LEU A 508 9.28 -8.22 1.81
CA LEU A 508 8.98 -7.62 0.52
C LEU A 508 7.55 -7.11 0.45
N THR A 509 6.64 -7.85 1.06
CA THR A 509 5.22 -7.53 1.00
C THR A 509 4.90 -6.12 1.53
N PRO A 510 5.56 -5.66 2.63
CA PRO A 510 5.28 -4.26 3.04
C PRO A 510 5.60 -3.22 1.95
N ILE A 511 6.65 -3.48 1.17
CA ILE A 511 7.08 -2.60 0.09
C ILE A 511 6.06 -2.62 -1.05
N LEU A 512 5.59 -3.81 -1.40
CA LEU A 512 4.50 -3.96 -2.36
C LEU A 512 3.24 -3.23 -1.87
N ASN A 513 2.93 -3.39 -0.60
CA ASN A 513 1.73 -2.80 -0.05
C ASN A 513 1.80 -1.29 -0.03
N LEU A 514 3.00 -0.74 0.19
CA LEU A 514 3.20 0.72 0.10
C LEU A 514 2.84 1.25 -1.29
N ALA A 515 3.18 0.49 -2.33
CA ALA A 515 2.87 0.86 -3.70
C ALA A 515 1.36 0.77 -3.97
N ARG A 516 0.73 -0.28 -3.44
CA ARG A 516 -0.72 -0.40 -3.50
C ARG A 516 -1.44 0.78 -2.85
N ILE A 517 -0.92 1.24 -1.71
CA ILE A 517 -1.63 2.33 -1.01
C ILE A 517 -1.63 3.62 -1.84
N VAL A 518 -0.50 3.89 -2.50
CA VAL A 518 -0.40 4.97 -3.48
C VAL A 518 -1.50 4.90 -4.53
N GLU A 519 -1.60 3.73 -5.20
CA GLU A 519 -2.62 3.53 -6.23
C GLU A 519 -4.04 3.75 -5.72
N VAL A 520 -4.29 3.29 -4.50
CA VAL A 520 -5.64 3.36 -3.93
C VAL A 520 -5.99 4.77 -3.43
N THR A 521 -5.00 5.45 -2.86
CA THR A 521 -5.19 6.79 -2.30
C THR A 521 -5.30 7.89 -3.37
N TYR A 522 -4.54 7.74 -4.44
CA TYR A 522 -4.58 8.72 -5.53
C TYR A 522 -5.42 8.26 -6.69
N ILE A 523 -6.36 7.36 -6.44
CA ILE A 523 -7.24 6.89 -7.50
C ILE A 523 -7.97 8.09 -8.09
N HIS A 524 -8.15 8.08 -9.41
CA HIS A 524 -8.75 9.19 -10.15
C HIS A 524 -7.94 10.50 -10.02
N ASN A 525 -6.64 10.36 -9.78
CA ASN A 525 -5.71 11.49 -9.86
C ASN A 525 -6.00 12.61 -8.85
N LEU A 526 -6.31 12.23 -7.61
CA LEU A 526 -6.59 13.19 -6.55
C LEU A 526 -5.83 12.81 -5.28
N ASP A 527 -5.36 13.80 -4.53
CA ASP A 527 -4.60 13.53 -3.30
C ASP A 527 -5.54 13.19 -2.14
N GLY A 528 -5.79 11.91 -1.94
CA GLY A 528 -6.76 11.45 -0.95
C GLY A 528 -6.35 11.65 0.50
N TYR A 529 -5.05 11.72 0.77
CA TYR A 529 -4.57 11.93 2.13
C TYR A 529 -4.88 13.35 2.60
N THR A 530 -4.58 14.33 1.75
CA THR A 530 -4.86 15.73 2.06
C THR A 530 -6.37 16.00 1.97
N HIS A 531 -7.05 15.29 1.07
CA HIS A 531 -8.51 15.44 0.92
C HIS A 531 -9.23 14.09 1.08
N PRO A 532 -9.37 13.65 2.33
CA PRO A 532 -9.86 12.29 2.64
C PRO A 532 -11.32 12.04 2.28
N GLU A 533 -12.12 13.09 2.14
CA GLU A 533 -13.57 12.95 2.01
C GLU A 533 -14.03 12.00 0.88
N LYS A 534 -13.45 12.14 -0.31
CA LYS A 534 -13.89 11.38 -1.48
C LYS A 534 -13.46 9.90 -1.46
N VAL A 535 -12.17 9.64 -1.29
CA VAL A 535 -11.66 8.28 -1.41
C VAL A 535 -11.46 7.59 -0.06
N LEU A 536 -10.68 8.20 0.83
CA LEU A 536 -10.27 7.53 2.06
C LEU A 536 -11.42 7.35 3.08
N LYS A 537 -12.39 8.25 3.05
CA LYS A 537 -13.45 8.21 4.05
C LYS A 537 -14.30 6.94 3.93
N PRO A 538 -14.76 6.60 2.70
CA PRO A 538 -15.49 5.33 2.61
C PRO A 538 -14.66 4.11 3.04
N HIS A 539 -13.38 4.10 2.70
CA HIS A 539 -12.51 2.98 3.08
C HIS A 539 -12.40 2.86 4.60
N ILE A 540 -12.17 3.98 5.27
CA ILE A 540 -12.04 4.00 6.71
C ILE A 540 -13.34 3.55 7.37
N ILE A 541 -14.47 3.95 6.81
CA ILE A 541 -15.75 3.52 7.37
C ILE A 541 -15.95 2.02 7.20
N ASN A 542 -15.55 1.49 6.04
CA ASN A 542 -15.72 0.07 5.76
C ASN A 542 -14.78 -0.79 6.55
N LEU A 543 -13.60 -0.26 6.85
CA LEU A 543 -12.58 -1.04 7.55
C LEU A 543 -12.61 -0.87 9.07
N LEU A 544 -13.00 0.31 9.54
CA LEU A 544 -12.78 0.67 10.94
C LEU A 544 -14.03 1.15 11.68
N VAL A 545 -15.14 1.34 10.97
CA VAL A 545 -16.38 1.75 11.62
C VAL A 545 -17.47 0.66 11.53
N ASP A 546 -17.82 0.24 10.32
CA ASP A 546 -18.90 -0.74 10.14
C ASP A 546 -18.39 -2.18 10.12
N SER A 547 -18.96 -3.03 10.97
CA SER A 547 -18.66 -4.46 10.91
C SER A 547 -19.38 -5.09 9.71
N ILE A 548 -18.90 -6.23 9.23
CA ILE A 548 -19.65 -6.95 8.21
C ILE A 548 -20.85 -7.61 8.86
N LYS A 549 -22.05 -7.42 8.29
CA LYS A 549 -23.22 -8.02 8.90
C LYS A 549 -23.26 -9.49 8.58
N ILE A 550 -23.47 -10.29 9.61
CA ILE A 550 -23.46 -11.76 9.49
C ILE A 550 -24.88 -12.32 9.38
C1 BTB B . 3.69 11.30 4.95
O1 BTB B . 2.72 11.22 6.00
C2 BTB B . 3.03 11.84 3.69
C3 BTB B . 4.15 12.28 2.76
O3 BTB B . 3.74 13.29 1.83
C4 BTB B . 2.15 13.01 4.12
O4 BTB B . 3.03 14.07 4.52
N BTB B . 2.23 10.68 3.18
C5 BTB B . 1.06 10.85 2.25
C6 BTB B . 0.99 12.02 1.26
O6 BTB B . -0.21 11.95 0.51
C7 BTB B . 3.17 9.63 2.71
C8 BTB B . 3.06 9.31 1.21
O8 BTB B . 3.64 10.36 0.43
#